data_6RTQ
#
_entry.id   6RTQ
#
_cell.length_a   81.885
_cell.length_b   81.885
_cell.length_c   130.429
_cell.angle_alpha   90.00
_cell.angle_beta   90.00
_cell.angle_gamma   120.00
#
_symmetry.space_group_name_H-M   'P 62 2 2'
#
loop_
_entity.id
_entity.type
_entity.pdbx_description
1 polymer Hoefavidin
2 water water
#
_entity_poly.entity_id   1
_entity_poly.type   'polypeptide(L)'
_entity_poly.pdbx_seq_one_letter_code
;MAFADDHAMSPDMKLLAGASNWVNQSGSVAQFVFTPSPTQPQTYEVSGNYINNAQGTGCKGTCYPLSGAYYSGNQIISFS
VVWSNASANCQSATGWTGYFDFSGSQAVLKTDWNLAFYSGSTPAIQQGQDDFMQSVATVSESLLTE
;
_entity_poly.pdbx_strand_id   A,B
#
# COMPACT_ATOMS: atom_id res chain seq x y z
N LYS A 14 2.81 20.55 -0.99
CA LYS A 14 4.22 20.62 -1.37
C LYS A 14 5.02 19.70 -0.45
N LEU A 15 5.22 20.16 0.78
CA LEU A 15 6.26 19.70 1.72
C LEU A 15 5.56 19.32 3.03
N LEU A 16 5.86 18.11 3.49
CA LEU A 16 5.47 17.59 4.83
C LEU A 16 6.71 17.00 5.50
N ALA A 17 7.87 17.67 5.44
CA ALA A 17 9.14 17.16 6.02
C ALA A 17 9.03 17.23 7.56
N GLY A 18 9.41 16.14 8.25
CA GLY A 18 8.97 15.82 9.62
C GLY A 18 7.64 15.05 9.64
N ALA A 19 7.11 14.80 10.83
CA ALA A 19 5.85 14.04 11.01
C ALA A 19 4.65 14.99 10.90
N SER A 20 3.61 14.61 10.18
CA SER A 20 2.38 15.45 10.03
C SER A 20 1.13 14.68 10.47
N ASN A 21 0.10 15.40 10.90
CA ASN A 21 -1.07 14.75 11.49
C ASN A 21 -2.30 14.99 10.63
N TRP A 22 -2.97 13.93 10.22
CA TRP A 22 -4.08 13.92 9.25
C TRP A 22 -5.27 13.20 9.84
N VAL A 23 -6.45 13.86 9.93
CA VAL A 23 -7.65 13.33 10.67
C VAL A 23 -8.79 13.13 9.69
N ASN A 24 -9.40 11.95 9.69
CA ASN A 24 -10.45 11.68 8.69
C ASN A 24 -11.79 12.04 9.31
N GLN A 25 -12.86 11.96 8.50
CA GLN A 25 -14.26 12.29 8.88
C GLN A 25 -14.67 11.51 10.14
N SER A 26 -14.27 10.24 10.26
CA SER A 26 -14.65 9.38 11.41
C SER A 26 -13.65 9.53 12.57
N GLY A 27 -12.71 10.45 12.48
CA GLY A 27 -11.81 10.74 13.63
C GLY A 27 -10.53 9.90 13.66
N SER A 28 -10.40 8.82 12.88
CA SER A 28 -9.15 8.02 12.75
C SER A 28 -7.98 8.90 12.33
N VAL A 29 -6.77 8.52 12.75
CA VAL A 29 -5.59 9.41 12.69
C VAL A 29 -4.48 8.70 11.91
N ALA A 30 -3.99 9.39 10.87
CA ALA A 30 -2.80 9.03 10.09
C ALA A 30 -1.68 9.96 10.48
N GLN A 31 -0.57 9.42 11.02
CA GLN A 31 0.67 10.22 11.26
C GLN A 31 1.71 9.79 10.22
N PHE A 32 2.15 10.70 9.35
CA PHE A 32 2.98 10.35 8.17
C PHE A 32 4.46 10.72 8.40
N VAL A 33 5.36 9.84 7.99
CA VAL A 33 6.77 10.26 7.82
C VAL A 33 7.22 9.88 6.43
N PHE A 34 7.96 10.77 5.78
CA PHE A 34 8.38 10.66 4.37
C PHE A 34 9.89 10.58 4.27
N THR A 35 10.38 9.56 3.58
CA THR A 35 11.82 9.38 3.36
C THR A 35 12.05 9.26 1.87
N PRO A 36 13.09 9.93 1.33
CA PRO A 36 13.28 9.97 -0.11
C PRO A 36 13.62 8.54 -0.50
N SER A 37 13.05 8.07 -1.61
CA SER A 37 13.48 6.83 -2.29
C SER A 37 14.90 7.07 -2.78
N PRO A 38 15.83 6.11 -2.64
CA PRO A 38 17.14 6.29 -3.24
C PRO A 38 17.18 6.26 -4.78
N THR A 39 16.11 5.87 -5.48
CA THR A 39 16.14 5.46 -6.92
C THR A 39 14.95 6.04 -7.68
N GLN A 40 13.86 6.43 -7.00
CA GLN A 40 12.59 6.78 -7.67
C GLN A 40 12.44 8.30 -7.64
N PRO A 41 12.59 9.01 -8.81
CA PRO A 41 12.47 10.47 -8.83
C PRO A 41 11.19 10.91 -8.15
N GLN A 42 11.37 11.85 -7.21
CA GLN A 42 10.26 12.56 -6.54
C GLN A 42 9.30 11.57 -5.83
N THR A 43 9.87 10.47 -5.36
CA THR A 43 9.11 9.41 -4.63
C THR A 43 9.63 9.34 -3.20
N TYR A 44 8.73 9.20 -2.25
CA TYR A 44 9.07 9.02 -0.82
C TYR A 44 8.43 7.71 -0.32
N GLU A 45 9.21 6.95 0.44
CA GLU A 45 8.74 5.82 1.27
C GLU A 45 7.94 6.44 2.40
N VAL A 46 6.77 5.86 2.62
CA VAL A 46 5.83 6.38 3.64
C VAL A 46 5.95 5.45 4.84
N SER A 47 6.22 6.01 6.00
CA SER A 47 6.08 5.27 7.27
C SER A 47 5.18 6.06 8.19
N GLY A 48 5.00 5.59 9.40
CA GLY A 48 4.25 6.33 10.40
C GLY A 48 3.23 5.40 11.01
N ASN A 49 2.14 5.94 11.50
CA ASN A 49 1.21 5.23 12.41
C ASN A 49 -0.21 5.72 12.10
N TYR A 50 -1.10 4.76 12.20
CA TYR A 50 -2.56 4.90 11.99
C TYR A 50 -3.29 4.50 13.28
N ILE A 51 -4.20 5.34 13.74
CA ILE A 51 -5.05 5.04 14.92
C ILE A 51 -6.48 5.16 14.40
N ASN A 52 -7.08 3.98 14.24
CA ASN A 52 -8.47 3.68 13.81
C ASN A 52 -9.48 4.02 14.91
N ASN A 53 -10.35 5.00 14.68
CA ASN A 53 -11.24 5.57 15.72
C ASN A 53 -12.70 5.57 15.25
N ALA A 54 -13.12 4.59 14.46
CA ALA A 54 -14.49 4.52 13.87
C ALA A 54 -15.40 3.70 14.79
N GLN A 55 -16.68 4.10 14.96
CA GLN A 55 -17.59 3.47 15.98
C GLN A 55 -17.56 1.93 15.95
N GLY A 56 -17.96 1.30 14.84
CA GLY A 56 -18.40 -0.11 14.88
C GLY A 56 -17.33 -1.08 14.46
N THR A 57 -16.09 -0.83 14.89
CA THR A 57 -14.87 -1.43 14.28
C THR A 57 -14.03 -2.13 15.34
N GLY A 58 -13.34 -3.19 14.93
CA GLY A 58 -12.20 -3.81 15.65
C GLY A 58 -10.92 -2.97 15.61
N CYS A 59 -9.96 -3.30 16.50
CA CYS A 59 -8.56 -2.83 16.46
C CYS A 59 -8.57 -1.28 16.46
N LYS A 60 -9.24 -0.66 17.44
CA LYS A 60 -9.31 0.83 17.65
C LYS A 60 -8.43 1.36 18.81
N GLY A 61 -8.12 2.67 18.75
CA GLY A 61 -7.42 3.46 19.79
C GLY A 61 -5.95 3.07 20.04
N THR A 62 -5.29 2.24 19.21
CA THR A 62 -3.82 1.96 19.35
C THR A 62 -3.11 2.12 17.98
N CYS A 63 -1.80 2.30 18.00
CA CYS A 63 -0.98 2.57 16.79
C CYS A 63 -0.82 1.32 15.95
N TYR A 64 -1.23 1.40 14.68
CA TYR A 64 -0.83 0.44 13.61
C TYR A 64 0.16 1.13 12.72
N PRO A 65 1.35 0.51 12.52
CA PRO A 65 2.27 0.91 11.47
C PRO A 65 1.67 1.01 10.06
N LEU A 66 2.10 2.06 9.37
CA LEU A 66 1.69 2.13 7.97
C LEU A 66 2.95 2.16 7.14
N SER A 67 2.86 1.61 5.93
CA SER A 67 3.92 1.55 4.92
C SER A 67 3.30 1.88 3.57
N GLY A 68 3.96 2.73 2.80
CA GLY A 68 3.59 2.87 1.38
C GLY A 68 4.56 3.76 0.68
N ALA A 69 4.05 4.48 -0.29
CA ALA A 69 4.86 5.28 -1.17
C ALA A 69 4.11 6.58 -1.50
N TYR A 70 4.88 7.64 -1.85
CA TYR A 70 4.29 8.95 -2.18
C TYR A 70 5.00 9.58 -3.36
N TYR A 71 4.23 10.21 -4.25
CA TYR A 71 4.77 10.86 -5.46
C TYR A 71 4.57 12.37 -5.29
N SER A 72 5.64 13.10 -5.12
CA SER A 72 5.56 14.54 -4.73
C SER A 72 5.31 15.40 -5.96
N GLY A 73 5.36 14.82 -7.17
CA GLY A 73 5.22 15.58 -8.42
C GLY A 73 3.86 16.20 -8.47
N ASN A 74 2.83 15.41 -8.14
CA ASN A 74 1.42 15.88 -8.02
C ASN A 74 0.79 15.39 -6.71
N GLN A 75 1.62 15.04 -5.75
CA GLN A 75 1.17 14.96 -4.35
C GLN A 75 0.14 13.85 -4.29
N ILE A 76 0.55 12.69 -4.79
CA ILE A 76 -0.25 11.43 -4.75
C ILE A 76 0.38 10.39 -3.82
N ILE A 77 -0.45 9.55 -3.22
CA ILE A 77 -0.01 8.60 -2.14
C ILE A 77 -0.78 7.31 -2.29
N SER A 78 -0.21 6.24 -1.75
CA SER A 78 -0.84 4.89 -1.55
C SER A 78 -0.13 4.31 -0.33
N PHE A 79 -0.86 4.01 0.74
CA PHE A 79 -0.27 3.35 1.91
C PHE A 79 -1.20 2.22 2.34
N SER A 80 -0.68 1.37 3.19
CA SER A 80 -1.32 0.10 3.70
C SER A 80 -1.13 -0.07 5.21
N VAL A 81 -2.09 -0.69 5.91
CA VAL A 81 -1.98 -1.06 7.34
C VAL A 81 -2.38 -2.55 7.44
N VAL A 82 -1.55 -3.43 8.04
CA VAL A 82 -1.98 -4.78 8.52
C VAL A 82 -2.47 -4.56 9.96
N TRP A 83 -3.75 -4.90 10.21
CA TRP A 83 -4.40 -4.66 11.51
C TRP A 83 -3.99 -5.76 12.47
N SER A 84 -2.72 -5.86 12.81
CA SER A 84 -2.16 -6.73 13.89
C SER A 84 -1.05 -5.99 14.63
N ASN A 85 -1.24 -5.75 15.92
CA ASN A 85 -0.23 -5.13 16.81
C ASN A 85 -0.38 -5.80 18.18
N ALA A 86 0.35 -5.36 19.22
CA ALA A 86 0.45 -6.04 20.54
C ALA A 86 -0.91 -5.97 21.31
N SER A 87 -1.88 -5.18 20.86
CA SER A 87 -3.21 -4.94 21.51
C SER A 87 -4.32 -5.74 20.81
N ALA A 88 -4.33 -5.86 19.47
CA ALA A 88 -5.51 -6.42 18.76
C ALA A 88 -5.25 -6.74 17.29
N ASN A 89 -5.63 -7.97 16.91
CA ASN A 89 -5.47 -8.64 15.60
C ASN A 89 -6.86 -8.79 14.95
N CYS A 90 -7.12 -8.07 13.86
CA CYS A 90 -8.36 -8.16 13.08
C CYS A 90 -8.11 -8.97 11.79
N GLN A 91 -6.92 -9.60 11.71
CA GLN A 91 -6.41 -10.46 10.58
C GLN A 91 -6.89 -9.94 9.23
N SER A 92 -6.43 -8.75 8.87
CA SER A 92 -6.95 -8.03 7.71
C SER A 92 -5.96 -6.91 7.40
N ALA A 93 -6.12 -6.32 6.22
CA ALA A 93 -5.26 -5.27 5.64
C ALA A 93 -6.09 -4.18 5.02
N THR A 94 -5.78 -2.93 5.32
CA THR A 94 -6.34 -1.83 4.48
C THR A 94 -5.28 -1.26 3.55
N GLY A 95 -5.64 -1.04 2.28
CA GLY A 95 -4.90 -0.18 1.35
C GLY A 95 -5.67 1.07 0.99
N TRP A 96 -5.02 2.23 1.12
CA TRP A 96 -5.57 3.57 0.79
C TRP A 96 -4.79 4.04 -0.41
N THR A 97 -5.46 4.63 -1.42
CA THR A 97 -4.79 5.25 -2.59
C THR A 97 -5.37 6.66 -2.86
N GLY A 98 -4.58 7.74 -3.03
CA GLY A 98 -5.24 9.06 -3.14
C GLY A 98 -4.35 10.22 -3.49
N TYR A 99 -4.87 11.40 -3.24
CA TYR A 99 -4.16 12.67 -3.55
C TYR A 99 -4.47 13.73 -2.47
N PHE A 100 -3.58 14.70 -2.40
CA PHE A 100 -3.60 15.82 -1.44
C PHE A 100 -3.83 17.12 -2.22
N ASP A 101 -4.55 18.03 -1.60
CA ASP A 101 -4.74 19.44 -2.01
C ASP A 101 -4.32 20.28 -0.80
N PHE A 102 -3.14 20.93 -0.83
CA PHE A 102 -2.68 21.92 0.20
C PHE A 102 -3.15 23.36 -0.09
N SER A 103 -3.99 23.65 -1.10
CA SER A 103 -4.48 25.04 -1.38
C SER A 103 -5.39 25.54 -0.24
N GLY A 104 -5.36 26.84 0.01
CA GLY A 104 -6.28 27.53 0.93
C GLY A 104 -5.82 27.50 2.39
N SER A 105 -6.78 27.68 3.28
CA SER A 105 -6.56 27.69 4.75
C SER A 105 -6.34 26.25 5.26
N GLN A 106 -6.73 25.23 4.47
CA GLN A 106 -6.75 23.80 4.95
C GLN A 106 -6.10 22.90 3.88
N ALA A 107 -5.37 21.88 4.36
CA ALA A 107 -4.72 20.82 3.56
C ALA A 107 -5.51 19.51 3.73
N VAL A 108 -6.01 18.95 2.63
CA VAL A 108 -6.91 17.76 2.66
C VAL A 108 -6.31 16.69 1.74
N LEU A 109 -6.54 15.45 2.17
CA LEU A 109 -6.06 14.21 1.56
C LEU A 109 -7.33 13.46 1.25
N LYS A 110 -7.65 13.39 -0.02
CA LYS A 110 -8.82 12.70 -0.57
C LYS A 110 -8.32 11.30 -0.88
N THR A 111 -8.97 10.29 -0.33
CA THR A 111 -8.56 8.88 -0.50
C THR A 111 -9.77 8.03 -0.81
N ASP A 112 -9.57 7.01 -1.65
CA ASP A 112 -10.33 5.74 -1.78
C ASP A 112 -9.56 4.59 -1.16
N TRP A 113 -10.22 3.48 -0.77
CA TRP A 113 -9.53 2.40 -0.03
C TRP A 113 -10.29 1.10 -0.15
N ASN A 114 -9.55 -0.01 0.01
CA ASN A 114 -9.90 -1.45 -0.14
C ASN A 114 -9.43 -2.19 1.12
N LEU A 115 -10.16 -3.21 1.58
CA LEU A 115 -9.93 -3.88 2.89
C LEU A 115 -10.20 -5.37 2.78
N ALA A 116 -9.14 -6.18 2.84
CA ALA A 116 -9.11 -7.63 2.61
C ALA A 116 -9.26 -8.34 3.95
N PHE A 117 -10.42 -8.95 4.18
CA PHE A 117 -10.82 -9.60 5.46
C PHE A 117 -11.57 -10.90 5.17
N TYR A 118 -12.19 -11.49 6.20
CA TYR A 118 -12.83 -12.82 6.14
C TYR A 118 -14.27 -12.78 6.66
N SER A 119 -14.97 -13.91 6.47
CA SER A 119 -16.12 -14.39 7.28
C SER A 119 -15.76 -15.81 7.75
N GLY A 120 -16.13 -16.80 6.95
CA GLY A 120 -15.81 -18.19 7.28
C GLY A 120 -14.47 -18.56 6.71
N SER A 121 -14.52 -19.44 5.69
CA SER A 121 -13.47 -19.76 4.70
C SER A 121 -13.75 -18.96 3.41
N THR A 122 -14.06 -17.67 3.58
CA THR A 122 -14.72 -16.83 2.56
C THR A 122 -14.05 -15.45 2.53
N PRO A 123 -12.82 -15.38 1.96
CA PRO A 123 -12.14 -14.11 1.70
C PRO A 123 -13.05 -13.03 1.10
N ALA A 124 -12.84 -11.74 1.41
CA ALA A 124 -13.68 -10.61 0.97
C ALA A 124 -12.82 -9.36 0.71
N ILE A 125 -13.41 -8.27 0.19
CA ILE A 125 -12.63 -7.03 -0.06
C ILE A 125 -13.61 -5.91 -0.21
N GLN A 126 -13.95 -5.27 0.90
CA GLN A 126 -14.83 -4.08 0.91
C GLN A 126 -14.03 -2.88 0.39
N GLN A 127 -14.75 -1.89 -0.19
CA GLN A 127 -14.28 -0.64 -0.86
C GLN A 127 -14.63 0.53 0.05
N GLY A 128 -14.10 1.75 -0.14
CA GLY A 128 -14.59 2.88 0.69
C GLY A 128 -13.97 4.19 0.29
N GLN A 129 -14.23 5.23 1.07
CA GLN A 129 -13.60 6.55 0.86
C GLN A 129 -13.38 7.26 2.20
N ASP A 130 -12.12 7.47 2.59
CA ASP A 130 -11.75 8.36 3.72
C ASP A 130 -11.20 9.67 3.16
N ASP A 131 -11.57 10.78 3.78
CA ASP A 131 -11.06 12.13 3.42
C ASP A 131 -10.40 12.66 4.69
N PHE A 132 -9.14 13.13 4.65
CA PHE A 132 -8.39 13.55 5.87
C PHE A 132 -8.12 15.06 5.81
N MET A 133 -8.01 15.71 6.98
CA MET A 133 -7.55 17.11 7.03
C MET A 133 -6.32 17.23 7.93
N GLN A 134 -5.34 18.02 7.50
CA GLN A 134 -4.12 18.23 8.29
C GLN A 134 -4.51 18.99 9.56
N SER A 135 -4.02 18.53 10.72
CA SER A 135 -4.20 19.26 12.00
C SER A 135 -2.89 19.23 12.75
N VAL A 136 -2.28 20.42 12.84
CA VAL A 136 -0.96 20.71 13.46
C VAL A 136 -1.11 20.54 14.95
N ALA A 137 -0.17 19.82 15.57
CA ALA A 137 -0.06 19.59 17.02
C ALA A 137 -0.78 20.70 17.79
N THR A 138 -1.76 20.29 18.61
CA THR A 138 -2.35 21.10 19.70
C THR A 138 -1.29 21.26 20.77
N VAL A 139 -1.15 22.45 21.31
CA VAL A 139 -0.10 22.79 22.31
C VAL A 139 -0.78 23.02 23.66
N SER A 140 -0.11 22.56 24.72
CA SER A 140 -0.55 22.72 26.11
C SER A 140 0.64 23.12 26.97
N GLU A 141 0.33 23.94 27.98
CA GLU A 141 1.21 24.31 29.09
C GLU A 141 1.82 23.01 29.65
N SER A 142 1.06 21.92 29.73
CA SER A 142 1.50 20.64 30.35
C SER A 142 0.55 19.48 30.03
N LEU A 143 0.95 18.26 30.41
CA LEU A 143 0.13 17.02 30.30
C LEU A 143 -1.14 17.09 31.17
N LEU A 144 -1.22 17.99 32.17
CA LEU A 144 -2.34 18.05 33.16
C LEU A 144 -3.35 19.16 32.83
N THR A 145 -2.84 20.30 32.37
CA THR A 145 -3.63 21.45 31.87
C THR A 145 -4.16 21.09 30.47
N GLU A 146 -5.45 21.36 30.19
CA GLU A 146 -6.05 21.25 28.81
C GLU A 146 -5.95 19.81 28.32
N LYS B 14 2.04 -22.01 3.59
CA LYS B 14 2.69 -21.16 4.63
C LYS B 14 3.65 -20.19 3.94
N LEU B 15 4.85 -20.70 3.62
CA LEU B 15 6.06 -19.93 3.29
C LEU B 15 6.42 -20.04 1.81
N LEU B 16 6.74 -18.87 1.27
CA LEU B 16 7.24 -18.58 -0.08
C LEU B 16 8.47 -17.68 0.12
N ALA B 17 9.08 -17.82 1.30
CA ALA B 17 10.15 -16.94 1.84
C ALA B 17 11.33 -16.92 0.85
N GLY B 18 12.37 -16.12 1.11
CA GLY B 18 13.32 -15.65 0.07
C GLY B 18 12.58 -14.89 -1.03
N ALA B 19 13.12 -14.87 -2.25
CA ALA B 19 12.50 -14.16 -3.41
C ALA B 19 11.52 -15.10 -4.14
N SER B 20 10.30 -14.59 -4.40
CA SER B 20 9.17 -15.28 -5.07
C SER B 20 8.71 -14.50 -6.33
N ASN B 21 8.25 -15.20 -7.37
CA ASN B 21 7.96 -14.65 -8.71
C ASN B 21 6.50 -14.82 -9.03
N TRP B 22 5.76 -13.74 -9.27
CA TRP B 22 4.29 -13.84 -9.33
C TRP B 22 3.80 -13.12 -10.58
N VAL B 23 3.05 -13.81 -11.44
CA VAL B 23 2.74 -13.34 -12.82
C VAL B 23 1.21 -13.22 -12.99
N ASN B 24 0.74 -12.06 -13.42
CA ASN B 24 -0.72 -11.87 -13.51
C ASN B 24 -1.17 -12.03 -14.95
N GLN B 25 -2.43 -11.79 -15.17
CA GLN B 25 -3.13 -12.08 -16.46
C GLN B 25 -2.62 -11.19 -17.60
N SER B 26 -1.93 -10.07 -17.34
CA SER B 26 -1.42 -9.15 -18.38
C SER B 26 0.06 -9.38 -18.67
N GLY B 27 0.63 -10.44 -18.12
CA GLY B 27 2.08 -10.64 -18.17
C GLY B 27 2.80 -9.96 -16.99
N SER B 28 2.12 -9.16 -16.16
CA SER B 28 2.78 -8.28 -15.16
C SER B 28 3.46 -9.13 -14.07
N VAL B 29 4.67 -8.75 -13.66
CA VAL B 29 5.47 -9.55 -12.69
C VAL B 29 5.66 -8.79 -11.37
N ALA B 30 5.20 -9.39 -10.29
CA ALA B 30 5.57 -9.03 -8.89
C ALA B 30 6.64 -9.99 -8.35
N GLN B 31 7.80 -9.46 -7.95
CA GLN B 31 8.77 -10.24 -7.13
C GLN B 31 8.68 -9.74 -5.67
N PHE B 32 8.35 -10.62 -4.75
CA PHE B 32 8.17 -10.24 -3.33
C PHE B 32 9.35 -10.74 -2.49
N VAL B 33 9.67 -9.85 -1.57
CA VAL B 33 10.67 -10.07 -0.49
C VAL B 33 9.88 -9.74 0.78
N PHE B 34 10.05 -10.56 1.80
CA PHE B 34 9.29 -10.52 3.06
C PHE B 34 10.24 -10.41 4.22
N THR B 35 10.05 -9.44 5.09
CA THR B 35 10.91 -9.32 6.25
C THR B 35 9.97 -9.18 7.43
N PRO B 36 10.14 -10.06 8.42
CA PRO B 36 9.38 -9.97 9.66
C PRO B 36 9.39 -8.56 10.28
N SER B 37 8.22 -8.16 10.76
CA SER B 37 7.98 -6.85 11.40
C SER B 37 8.42 -7.01 12.84
N PRO B 38 9.16 -6.02 13.42
CA PRO B 38 9.51 -6.08 14.84
C PRO B 38 8.33 -5.91 15.82
N THR B 39 7.26 -5.17 15.46
CA THR B 39 6.20 -4.78 16.45
C THR B 39 4.90 -5.59 16.19
N GLN B 40 4.66 -6.11 14.99
CA GLN B 40 3.32 -6.59 14.51
C GLN B 40 3.33 -8.11 14.32
N PRO B 41 2.75 -8.93 15.23
CA PRO B 41 2.93 -10.38 15.08
C PRO B 41 2.26 -11.01 13.82
N GLN B 42 2.91 -12.05 13.27
CA GLN B 42 2.63 -12.68 11.93
C GLN B 42 2.47 -11.62 10.80
N THR B 43 3.23 -10.54 10.86
CA THR B 43 3.23 -9.42 9.86
C THR B 43 4.62 -9.28 9.27
N TYR B 44 4.69 -9.16 7.94
CA TYR B 44 5.92 -8.99 7.15
C TYR B 44 5.77 -7.67 6.41
N GLU B 45 6.86 -6.93 6.40
CA GLU B 45 7.16 -5.85 5.44
C GLU B 45 7.41 -6.54 4.11
N VAL B 46 6.66 -6.12 3.12
CA VAL B 46 6.80 -6.51 1.70
C VAL B 46 7.73 -5.51 1.04
N SER B 47 8.70 -6.02 0.32
CA SER B 47 9.48 -5.19 -0.60
C SER B 47 9.66 -5.99 -1.89
N GLY B 48 10.44 -5.50 -2.82
CA GLY B 48 10.68 -6.18 -4.09
C GLY B 48 10.44 -5.25 -5.26
N ASN B 49 10.06 -5.84 -6.38
CA ASN B 49 9.98 -5.15 -7.69
C ASN B 49 8.72 -5.60 -8.40
N TYR B 50 8.16 -4.69 -9.20
CA TYR B 50 7.00 -4.91 -10.09
C TYR B 50 7.31 -4.50 -11.51
N ILE B 51 7.05 -5.40 -12.46
CA ILE B 51 7.23 -5.12 -13.90
C ILE B 51 5.81 -5.07 -14.50
N ASN B 52 5.44 -3.91 -15.04
CA ASN B 52 4.10 -3.69 -15.67
C ASN B 52 4.24 -4.17 -17.12
N ASN B 53 3.31 -5.01 -17.59
CA ASN B 53 3.29 -5.38 -19.04
C ASN B 53 1.84 -5.34 -19.56
N ALA B 54 1.02 -4.48 -18.98
CA ALA B 54 -0.40 -4.37 -19.35
C ALA B 54 -0.53 -3.45 -20.56
N GLN B 55 -1.27 -3.92 -21.56
CA GLN B 55 -1.24 -3.38 -22.93
C GLN B 55 -1.57 -1.88 -22.99
N GLY B 56 -2.65 -1.43 -22.34
CA GLY B 56 -3.08 -0.01 -22.47
C GLY B 56 -2.11 1.05 -21.94
N THR B 57 -1.15 0.67 -21.11
CA THR B 57 -0.55 1.57 -20.10
C THR B 57 0.86 2.04 -20.50
N GLY B 58 1.39 3.03 -19.82
CA GLY B 58 2.82 3.39 -19.84
C GLY B 58 3.53 2.68 -18.70
N CYS B 59 4.83 2.97 -18.50
CA CYS B 59 5.65 2.49 -17.37
C CYS B 59 5.69 0.96 -17.45
N LYS B 60 5.96 0.45 -18.65
CA LYS B 60 5.88 -0.99 -19.00
C LYS B 60 7.31 -1.51 -19.16
N GLY B 61 7.55 -2.74 -18.73
CA GLY B 61 8.82 -3.42 -19.01
C GLY B 61 10.01 -3.08 -18.13
N THR B 62 9.87 -2.36 -16.99
CA THR B 62 11.03 -1.98 -16.13
C THR B 62 10.65 -2.07 -14.64
N CYS B 63 11.65 -2.17 -13.76
CA CYS B 63 11.55 -2.42 -12.29
C CYS B 63 11.01 -1.17 -11.58
N TYR B 64 9.86 -1.29 -10.94
CA TYR B 64 9.35 -0.33 -9.96
C TYR B 64 9.33 -1.00 -8.60
N PRO B 65 10.08 -0.44 -7.62
CA PRO B 65 9.95 -0.87 -6.24
C PRO B 65 8.51 -0.89 -5.73
N LEU B 66 8.16 -1.98 -5.03
CA LEU B 66 6.86 -2.06 -4.33
C LEU B 66 7.12 -2.10 -2.82
N SER B 67 6.16 -1.56 -2.09
CA SER B 67 6.17 -1.43 -0.61
C SER B 67 4.80 -1.91 -0.14
N GLY B 68 4.79 -2.76 0.88
CA GLY B 68 3.56 -2.90 1.64
C GLY B 68 3.68 -3.84 2.82
N ALA B 69 2.61 -4.55 3.10
CA ALA B 69 2.55 -5.37 4.31
C ALA B 69 1.71 -6.63 4.03
N TYR B 70 2.18 -7.74 4.59
CA TYR B 70 1.63 -9.09 4.45
C TYR B 70 1.31 -9.63 5.83
N TYR B 71 0.09 -10.11 5.98
CA TYR B 71 -0.39 -10.76 7.21
C TYR B 71 -0.45 -12.26 6.95
N SER B 72 0.46 -12.99 7.58
CA SER B 72 0.71 -14.42 7.33
C SER B 72 -0.50 -15.21 7.77
N GLY B 73 -0.99 -14.90 8.96
CA GLY B 73 -2.07 -15.65 9.59
C GLY B 73 -3.01 -16.21 8.53
N ASN B 74 -3.63 -15.36 7.72
CA ASN B 74 -4.67 -15.78 6.74
C ASN B 74 -4.20 -15.40 5.33
N GLN B 75 -2.88 -15.26 5.18
CA GLN B 75 -2.16 -15.07 3.90
C GLN B 75 -2.75 -13.90 3.15
N ILE B 76 -2.86 -12.76 3.82
CA ILE B 76 -3.40 -11.49 3.23
C ILE B 76 -2.24 -10.56 2.88
N ILE B 77 -2.46 -9.65 1.93
CA ILE B 77 -1.40 -8.71 1.47
C ILE B 77 -2.03 -7.43 0.97
N SER B 78 -1.19 -6.40 0.95
CA SER B 78 -1.50 -5.04 0.42
C SER B 78 -0.17 -4.37 0.11
N PHE B 79 0.01 -3.87 -1.11
CA PHE B 79 1.26 -3.21 -1.55
C PHE B 79 1.02 -2.15 -2.63
N SER B 80 2.00 -1.28 -2.74
CA SER B 80 1.91 -0.01 -3.52
C SER B 80 3.12 0.15 -4.43
N VAL B 81 2.92 0.84 -5.57
CA VAL B 81 3.98 1.13 -6.56
C VAL B 81 3.72 2.60 -6.92
N VAL B 82 4.71 3.45 -6.78
CA VAL B 82 4.66 4.81 -7.42
C VAL B 82 5.35 4.69 -8.77
N TRP B 83 4.62 4.98 -9.85
CA TRP B 83 5.00 4.71 -11.27
C TRP B 83 5.96 5.80 -11.65
N SER B 84 7.07 5.79 -10.93
CA SER B 84 8.20 6.67 -11.22
C SER B 84 9.50 5.98 -10.92
N ASN B 85 10.34 5.83 -11.95
CA ASN B 85 11.67 5.20 -11.88
C ASN B 85 12.52 5.89 -12.95
N ALA B 86 13.75 5.45 -13.18
CA ALA B 86 14.72 6.12 -14.07
C ALA B 86 14.30 5.97 -15.54
N SER B 87 13.43 5.02 -15.86
CA SER B 87 13.04 4.82 -17.28
C SER B 87 11.76 5.64 -17.59
N ALA B 88 10.82 5.78 -16.66
CA ALA B 88 9.51 6.33 -17.02
C ALA B 88 8.70 6.74 -15.81
N ASN B 89 7.92 7.78 -16.03
CA ASN B 89 7.07 8.40 -15.03
C ASN B 89 5.67 8.54 -15.60
N CYS B 90 4.71 8.02 -14.86
CA CYS B 90 3.28 8.07 -15.25
C CYS B 90 2.50 8.85 -14.18
N GLN B 91 3.22 9.43 -13.23
CA GLN B 91 2.75 10.49 -12.29
C GLN B 91 1.54 9.98 -11.57
N SER B 92 1.60 8.74 -11.13
CA SER B 92 0.41 8.12 -10.52
C SER B 92 0.90 7.00 -9.61
N ALA B 93 -0.02 6.44 -8.85
CA ALA B 93 0.28 5.41 -7.84
C ALA B 93 -0.82 4.36 -7.86
N THR B 94 -0.43 3.09 -7.75
CA THR B 94 -1.42 2.01 -7.58
C THR B 94 -1.22 1.32 -6.23
N GLY B 95 -2.34 0.99 -5.55
CA GLY B 95 -2.45 0.05 -4.43
C GLY B 95 -3.33 -1.20 -4.67
N TRP B 96 -2.74 -2.35 -4.40
CA TRP B 96 -3.21 -3.74 -4.57
C TRP B 96 -3.46 -4.26 -3.17
N THR B 97 -4.60 -4.89 -2.94
CA THR B 97 -5.05 -5.45 -1.64
C THR B 97 -5.77 -6.74 -1.96
N GLY B 98 -5.37 -7.88 -1.39
CA GLY B 98 -5.96 -9.20 -1.71
C GLY B 98 -5.37 -10.34 -0.91
N TYR B 99 -5.59 -11.60 -1.32
CA TYR B 99 -5.28 -12.81 -0.51
C TYR B 99 -4.61 -13.94 -1.32
N PHE B 100 -3.89 -14.80 -0.61
CA PHE B 100 -3.24 -15.97 -1.23
C PHE B 100 -4.09 -17.22 -1.00
N ASP B 101 -3.78 -18.27 -1.78
CA ASP B 101 -4.40 -19.63 -1.86
C ASP B 101 -3.34 -20.57 -2.47
N PHE B 102 -2.55 -21.21 -1.61
CA PHE B 102 -1.37 -22.05 -2.00
C PHE B 102 -1.78 -23.47 -2.38
N SER B 103 -3.08 -23.78 -2.20
CA SER B 103 -3.65 -25.14 -2.30
C SER B 103 -3.41 -25.66 -3.72
N GLY B 104 -3.15 -26.96 -3.85
CA GLY B 104 -3.17 -27.62 -5.16
C GLY B 104 -1.84 -27.52 -5.88
N SER B 105 -1.87 -27.69 -7.20
CA SER B 105 -0.70 -27.78 -8.09
C SER B 105 -0.21 -26.36 -8.39
N GLN B 106 -1.01 -25.31 -8.13
CA GLN B 106 -0.58 -23.91 -8.43
C GLN B 106 -0.99 -23.06 -7.25
N ALA B 107 -0.21 -22.00 -7.03
CA ALA B 107 -0.37 -21.02 -5.95
C ALA B 107 -0.92 -19.73 -6.58
N VAL B 108 -1.99 -19.14 -6.04
CA VAL B 108 -2.63 -17.97 -6.73
C VAL B 108 -2.82 -16.79 -5.77
N LEU B 109 -2.53 -15.55 -6.22
CA LEU B 109 -2.87 -14.31 -5.46
C LEU B 109 -3.95 -13.56 -6.24
N LYS B 110 -5.03 -13.17 -5.56
CA LYS B 110 -6.13 -12.38 -6.14
C LYS B 110 -6.17 -11.02 -5.47
N THR B 111 -6.28 -9.97 -6.26
CA THR B 111 -6.24 -8.58 -5.72
C THR B 111 -7.22 -7.67 -6.41
N ASP B 112 -7.66 -6.70 -5.60
CA ASP B 112 -8.45 -5.51 -5.98
C ASP B 112 -7.46 -4.35 -6.00
N TRP B 113 -7.42 -3.57 -7.08
CA TRP B 113 -6.43 -2.47 -7.14
C TRP B 113 -7.12 -1.14 -7.39
N ASN B 114 -6.48 -0.05 -6.94
CA ASN B 114 -6.96 1.34 -7.11
C ASN B 114 -5.82 2.14 -7.72
N LEU B 115 -6.10 3.17 -8.53
CA LEU B 115 -5.02 3.97 -9.14
C LEU B 115 -5.34 5.46 -9.19
N ALA B 116 -4.55 6.24 -8.46
CA ALA B 116 -4.67 7.70 -8.32
C ALA B 116 -3.88 8.35 -9.44
N PHE B 117 -4.51 9.26 -10.21
CA PHE B 117 -3.89 10.01 -11.34
C PHE B 117 -4.65 11.34 -11.62
N TYR B 118 -4.09 12.15 -12.50
CA TYR B 118 -4.69 13.42 -12.98
C TYR B 118 -4.93 13.34 -14.49
N SER B 119 -6.04 13.96 -14.94
CA SER B 119 -6.42 14.19 -16.35
C SER B 119 -6.10 15.64 -16.74
N GLY B 120 -6.78 16.62 -16.13
CA GLY B 120 -6.44 18.06 -16.21
C GLY B 120 -5.74 18.47 -14.93
N SER B 121 -6.02 19.65 -14.37
CA SER B 121 -5.78 19.90 -12.92
C SER B 121 -6.82 19.10 -12.12
N THR B 122 -7.27 17.98 -12.70
CA THR B 122 -8.50 17.21 -12.41
C THR B 122 -8.14 15.85 -11.81
N PRO B 123 -7.91 15.74 -10.49
CA PRO B 123 -7.47 14.47 -9.90
C PRO B 123 -8.58 13.43 -9.94
N ALA B 124 -8.22 12.15 -9.94
CA ALA B 124 -9.11 11.00 -10.23
C ALA B 124 -8.54 9.68 -9.73
N ILE B 125 -9.41 8.76 -9.35
CA ILE B 125 -8.99 7.43 -8.84
C ILE B 125 -9.73 6.41 -9.68
N GLN B 126 -9.11 5.82 -10.70
CA GLN B 126 -9.67 4.65 -11.46
C GLN B 126 -9.72 3.46 -10.50
N GLN B 127 -10.10 2.26 -10.94
CA GLN B 127 -10.03 1.03 -10.11
C GLN B 127 -10.13 -0.19 -11.01
N GLY B 128 -9.94 -1.39 -10.44
CA GLY B 128 -9.87 -2.67 -11.18
C GLY B 128 -9.47 -3.84 -10.29
N GLN B 129 -9.12 -4.98 -10.89
CA GLN B 129 -8.79 -6.26 -10.19
C GLN B 129 -7.67 -7.03 -10.94
N ASP B 130 -6.66 -7.58 -10.25
CA ASP B 130 -5.59 -8.38 -10.91
C ASP B 130 -5.46 -9.68 -10.15
N ASP B 131 -5.14 -10.74 -10.90
CA ASP B 131 -4.92 -12.11 -10.43
C ASP B 131 -3.53 -12.59 -10.82
N PHE B 132 -2.70 -12.86 -9.83
CA PHE B 132 -1.30 -13.25 -10.04
C PHE B 132 -1.22 -14.76 -9.74
N MET B 133 -0.40 -15.50 -10.51
CA MET B 133 -0.03 -16.91 -10.24
C MET B 133 1.49 -17.05 -10.00
N GLN B 134 1.88 -17.88 -9.03
CA GLN B 134 3.30 -18.21 -8.79
C GLN B 134 3.91 -18.92 -10.02
N SER B 135 5.13 -18.54 -10.36
CA SER B 135 5.94 -19.23 -11.40
C SER B 135 7.38 -19.24 -10.91
N VAL B 136 7.91 -20.40 -10.70
CA VAL B 136 9.27 -20.64 -10.16
C VAL B 136 10.24 -20.41 -11.31
N ALA B 137 11.35 -19.75 -11.01
CA ALA B 137 12.49 -19.57 -11.92
C ALA B 137 12.59 -20.74 -12.90
N THR B 138 12.45 -20.40 -14.17
CA THR B 138 12.87 -21.30 -15.26
C THR B 138 14.39 -21.44 -15.13
N VAL B 139 14.91 -22.60 -15.52
CA VAL B 139 16.37 -22.83 -15.54
C VAL B 139 16.80 -23.11 -16.96
N SER B 140 17.92 -22.52 -17.36
CA SER B 140 18.48 -22.63 -18.72
C SER B 140 19.92 -23.12 -18.65
N GLU B 141 20.35 -23.90 -19.65
CA GLU B 141 21.77 -24.35 -19.72
C GLU B 141 22.64 -23.08 -19.57
N SER B 142 22.31 -22.02 -20.30
CA SER B 142 23.12 -20.78 -20.34
C SER B 142 22.18 -19.63 -20.68
N LEU B 143 22.71 -18.41 -20.74
CA LEU B 143 21.95 -17.23 -21.24
C LEU B 143 21.68 -17.50 -22.73
N LEU B 144 22.68 -18.03 -23.44
CA LEU B 144 22.67 -18.26 -24.91
C LEU B 144 21.66 -19.35 -25.32
N THR B 145 21.48 -20.42 -24.52
CA THR B 145 20.73 -21.64 -24.93
C THR B 145 20.04 -22.36 -23.76
N GLU B 146 18.78 -22.76 -24.02
CA GLU B 146 17.89 -23.76 -23.38
C GLU B 146 16.99 -23.02 -22.37
#